data_8F0W
#
_entry.id   8F0W
#
_cell.length_a   48.479
_cell.length_b   77.027
_cell.length_c   87.208
_cell.angle_alpha   90.000
_cell.angle_beta   90.000
_cell.angle_gamma   90.000
#
_symmetry.space_group_name_H-M   'P 21 21 21'
#
loop_
_entity.id
_entity.type
_entity.pdbx_description
1 polymer 'TP53-binding protein 1'
2 non-polymer 1-[4-(4-ethylpiperazin-1-yl)-3-fluorophenyl]butan-1-one
3 non-polymer 'UNKNOWN ATOM OR ION'
4 water water
#
_entity_poly.entity_id   1
_entity_poly.type   'polypeptide(L)'
_entity_poly.pdbx_seq_one_letter_code
;GGNSFVGLRVVAKWSSNGYFYSGKITRDVGAGKYKLLFDDGYECDVLGKDILLCDPIPLDTEVTALSEDEYFSAGVVKGH
RKESGELYYSIEKEGQRKWYKRMAVILSLEQGNRLREQYGLGPYE
;
_entity_poly.pdbx_strand_id   A,B
#
# COMPACT_ATOMS: atom_id res chain seq x y z
C ASN A 3 -24.36 -3.71 -12.45
N SER A 4 -24.42 -3.37 -11.16
CA SER A 4 -23.45 -2.45 -10.55
C SER A 4 -22.07 -3.11 -10.42
N PHE A 5 -21.01 -2.32 -10.61
CA PHE A 5 -19.66 -2.73 -10.22
C PHE A 5 -19.28 -2.29 -8.80
N VAL A 6 -20.08 -1.45 -8.15
CA VAL A 6 -19.73 -0.96 -6.83
C VAL A 6 -19.69 -2.11 -5.84
N GLY A 7 -18.57 -2.24 -5.15
CA GLY A 7 -18.37 -3.30 -4.17
C GLY A 7 -17.63 -4.49 -4.71
N LEU A 8 -17.46 -4.61 -6.03
CA LEU A 8 -16.77 -5.75 -6.63
C LEU A 8 -15.28 -5.65 -6.47
N ARG A 9 -14.67 -6.78 -6.16
CA ARG A 9 -13.23 -6.90 -6.12
C ARG A 9 -12.64 -7.01 -7.50
N VAL A 10 -11.53 -6.30 -7.70
CA VAL A 10 -10.90 -6.19 -8.99
C VAL A 10 -9.38 -6.15 -8.79
N VAL A 11 -8.66 -6.23 -9.92
CA VAL A 11 -7.23 -5.99 -9.95
C VAL A 11 -7.04 -4.98 -11.07
N ALA A 12 -6.48 -3.84 -10.76
CA ALA A 12 -6.49 -2.70 -11.69
C ALA A 12 -5.12 -2.11 -11.91
N LYS A 13 -4.82 -1.74 -13.14
CA LYS A 13 -3.56 -1.08 -13.47
C LYS A 13 -3.50 0.32 -12.88
N TRP A 14 -2.38 0.63 -12.25
CA TRP A 14 -2.09 1.96 -11.78
C TRP A 14 -1.08 2.59 -12.73
N SER A 15 -1.55 3.57 -13.48
CA SER A 15 -0.72 4.18 -14.55
C SER A 15 0.58 4.79 -14.06
N SER A 16 0.66 5.17 -12.78
CA SER A 16 1.89 5.77 -12.29
C SER A 16 3.10 4.87 -12.31
N ASN A 17 2.94 3.57 -12.13
CA ASN A 17 4.10 2.68 -12.27
C ASN A 17 3.89 1.43 -13.08
N GLY A 18 2.70 1.28 -13.65
CA GLY A 18 2.44 0.18 -14.62
C GLY A 18 2.01 -1.15 -14.03
N TYR A 19 2.18 -1.36 -12.72
CA TYR A 19 1.71 -2.59 -12.06
C TYR A 19 0.21 -2.54 -11.85
N PHE A 20 -0.38 -3.72 -11.63
CA PHE A 20 -1.80 -3.84 -11.32
C PHE A 20 -1.92 -4.30 -9.88
N TYR A 21 -2.89 -3.74 -9.18
CA TYR A 21 -3.05 -3.94 -7.75
C TYR A 21 -4.49 -4.29 -7.42
N SER A 22 -4.66 -5.12 -6.38
CA SER A 22 -5.98 -5.54 -5.94
C SER A 22 -6.72 -4.44 -5.17
N GLY A 23 -8.03 -4.40 -5.32
CA GLY A 23 -8.89 -3.47 -4.62
C GLY A 23 -10.35 -3.72 -4.93
N LYS A 24 -11.16 -2.71 -4.66
CA LYS A 24 -12.58 -2.74 -4.93
C LYS A 24 -12.99 -1.48 -5.64
N ILE A 25 -13.91 -1.62 -6.57
CA ILE A 25 -14.59 -0.45 -7.15
C ILE A 25 -15.54 0.12 -6.09
N THR A 26 -15.43 1.43 -5.83
CA THR A 26 -16.28 2.09 -4.84
C THR A 26 -17.29 3.07 -5.45
N ARG A 27 -17.10 3.48 -6.71
CA ARG A 27 -17.95 4.49 -7.30
C ARG A 27 -17.82 4.45 -8.81
N ASP A 28 -18.95 4.64 -9.50
CA ASP A 28 -18.97 4.96 -10.94
C ASP A 28 -18.80 6.47 -11.02
N VAL A 29 -17.68 6.93 -11.61
CA VAL A 29 -17.42 8.38 -11.72
C VAL A 29 -17.68 8.89 -13.13
N GLY A 30 -18.22 8.02 -13.98
CA GLY A 30 -18.58 8.36 -15.36
C GLY A 30 -17.35 8.43 -16.22
N ALA A 31 -17.58 8.73 -17.49
CA ALA A 31 -16.48 8.91 -18.43
C ALA A 31 -15.68 7.61 -18.60
N GLY A 32 -16.35 6.46 -18.42
CA GLY A 32 -15.67 5.16 -18.49
C GLY A 32 -14.63 4.93 -17.41
N LYS A 33 -14.76 5.66 -16.30
CA LYS A 33 -13.83 5.57 -15.17
C LYS A 33 -14.57 5.15 -13.91
N TYR A 34 -13.81 4.50 -13.02
CA TYR A 34 -14.32 4.04 -11.75
C TYR A 34 -13.36 4.45 -10.66
N LYS A 35 -13.91 4.84 -9.50
CA LYS A 35 -13.09 5.04 -8.30
C LYS A 35 -12.74 3.70 -7.67
N LEU A 36 -11.46 3.56 -7.33
N LEU A 36 -11.43 3.54 -7.42
CA LEU A 36 -10.87 2.33 -6.86
CA LEU A 36 -10.91 2.36 -6.78
C LEU A 36 -10.25 2.52 -5.49
C LEU A 36 -10.45 2.68 -5.38
N LEU A 37 -10.72 1.75 -4.49
CA LEU A 37 -10.07 1.72 -3.18
C LEU A 37 -9.19 0.47 -3.20
N PHE A 38 -7.87 0.68 -3.33
CA PHE A 38 -6.95 -0.45 -3.34
C PHE A 38 -6.83 -1.02 -1.94
N ASP A 39 -6.44 -2.29 -1.89
CA ASP A 39 -6.22 -2.95 -0.62
C ASP A 39 -5.09 -2.34 0.18
N ASP A 40 -4.16 -1.66 -0.48
CA ASP A 40 -3.13 -0.92 0.23
C ASP A 40 -3.62 0.41 0.80
N GLY A 41 -4.91 0.73 0.60
CA GLY A 41 -5.52 1.91 1.16
C GLY A 41 -5.60 3.12 0.26
N TYR A 42 -4.90 3.07 -0.88
CA TYR A 42 -4.87 4.21 -1.82
C TYR A 42 -6.18 4.25 -2.57
N GLU A 43 -6.66 5.46 -2.87
N GLU A 43 -6.69 5.45 -2.87
CA GLU A 43 -7.87 5.68 -3.65
CA GLU A 43 -7.93 5.62 -3.64
C GLU A 43 -7.56 6.58 -4.84
C GLU A 43 -7.68 6.59 -4.80
N CYS A 44 -8.02 6.16 -6.01
CA CYS A 44 -7.99 7.02 -7.21
C CYS A 44 -8.94 6.47 -8.27
N ASP A 45 -9.14 7.25 -9.31
CA ASP A 45 -9.93 6.89 -10.45
C ASP A 45 -9.09 6.17 -11.50
N VAL A 46 -9.67 5.12 -12.08
CA VAL A 46 -8.99 4.27 -13.05
C VAL A 46 -9.91 4.06 -14.25
N LEU A 47 -9.35 4.02 -15.46
CA LEU A 47 -10.16 3.67 -16.63
C LEU A 47 -10.69 2.26 -16.51
N GLY A 48 -11.97 2.07 -16.83
CA GLY A 48 -12.58 0.72 -16.81
C GLY A 48 -11.80 -0.26 -17.69
N LYS A 49 -11.23 0.22 -18.80
CA LYS A 49 -10.49 -0.64 -19.70
C LYS A 49 -9.24 -1.23 -19.04
N ASP A 50 -8.79 -0.62 -17.93
CA ASP A 50 -7.60 -1.05 -17.21
C ASP A 50 -7.90 -1.87 -15.93
N ILE A 51 -9.15 -2.29 -15.78
CA ILE A 51 -9.60 -3.01 -14.59
C ILE A 51 -9.87 -4.47 -14.99
N LEU A 52 -9.36 -5.40 -14.19
CA LEU A 52 -9.57 -6.84 -14.36
C LEU A 52 -10.60 -7.26 -13.32
N LEU A 53 -11.66 -7.92 -13.78
CA LEU A 53 -12.72 -8.46 -12.90
C LEU A 53 -12.33 -9.86 -12.62
N CYS A 54 -11.47 -9.97 -11.66
CA CYS A 54 -10.63 -11.09 -11.49
C CYS A 54 -10.46 -11.27 -9.98
N ASP A 55 -11.29 -12.12 -9.37
CA ASP A 55 -11.18 -12.36 -7.95
C ASP A 55 -11.76 -13.69 -7.53
N PRO A 56 -10.98 -14.53 -6.84
CA PRO A 56 -9.55 -14.37 -6.62
C PRO A 56 -8.73 -14.38 -7.90
N ILE A 57 -7.49 -13.93 -7.80
CA ILE A 57 -6.55 -14.15 -8.91
C ILE A 57 -6.50 -15.68 -9.14
N PRO A 58 -6.73 -16.13 -10.39
CA PRO A 58 -6.87 -17.58 -10.54
C PRO A 58 -5.61 -18.42 -10.31
N LEU A 59 -5.82 -19.67 -9.94
CA LEU A 59 -4.75 -20.64 -9.90
C LEU A 59 -4.05 -20.66 -11.25
N ASP A 60 -2.73 -20.81 -11.18
CA ASP A 60 -1.80 -20.84 -12.31
C ASP A 60 -1.51 -19.50 -12.96
N THR A 61 -2.00 -18.41 -12.37
CA THR A 61 -1.65 -17.07 -12.86
C THR A 61 -0.24 -16.74 -12.42
N GLU A 62 0.55 -16.16 -13.32
CA GLU A 62 1.85 -15.60 -12.94
C GLU A 62 1.63 -14.21 -12.33
N VAL A 63 2.21 -14.05 -11.15
CA VAL A 63 2.05 -12.84 -10.32
C VAL A 63 3.41 -12.38 -9.81
N THR A 64 3.40 -11.27 -9.06
CA THR A 64 4.58 -10.73 -8.43
C THR A 64 4.32 -10.61 -6.94
N ALA A 65 5.22 -11.19 -6.13
CA ALA A 65 5.06 -11.26 -4.67
C ALA A 65 6.05 -10.43 -3.93
N LEU A 66 5.62 -9.89 -2.79
CA LEU A 66 6.50 -9.12 -1.91
C LEU A 66 6.46 -9.64 -0.48
N SER A 67 7.64 -9.94 0.03
CA SER A 67 7.83 -10.22 1.46
C SER A 67 9.25 -9.81 1.77
N GLU A 68 9.64 -9.96 3.03
CA GLU A 68 11.01 -9.63 3.42
C GLU A 68 12.03 -10.59 2.81
N ASP A 69 11.56 -11.75 2.32
CA ASP A 69 12.40 -12.74 1.62
C ASP A 69 12.25 -12.78 0.11
N GLU A 70 11.19 -12.15 -0.44
CA GLU A 70 10.94 -12.16 -1.88
C GLU A 70 10.72 -10.73 -2.39
N TYR A 71 11.69 -10.23 -3.13
CA TYR A 71 11.69 -8.85 -3.55
C TYR A 71 11.01 -8.65 -4.89
N PHE A 72 9.69 -8.50 -4.88
CA PHE A 72 8.92 -8.33 -6.10
C PHE A 72 9.28 -9.42 -7.12
N SER A 73 9.22 -10.64 -6.63
CA SER A 73 9.66 -11.78 -7.43
C SER A 73 8.46 -12.40 -8.13
N ALA A 74 8.70 -12.96 -9.31
CA ALA A 74 7.67 -13.60 -10.10
C ALA A 74 7.40 -14.98 -9.50
N GLY A 75 6.13 -15.36 -9.50
CA GLY A 75 5.76 -16.68 -9.04
C GLY A 75 4.42 -17.03 -9.62
N VAL A 76 3.95 -18.23 -9.31
CA VAL A 76 2.69 -18.73 -9.85
C VAL A 76 1.74 -19.06 -8.69
N VAL A 77 0.50 -18.59 -8.79
CA VAL A 77 -0.54 -18.90 -7.82
C VAL A 77 -0.87 -20.40 -7.88
N LYS A 78 -0.63 -21.10 -6.79
CA LYS A 78 -0.96 -22.50 -6.67
C LYS A 78 -1.98 -22.78 -5.61
N GLY A 79 -2.40 -21.78 -4.84
CA GLY A 79 -3.44 -21.97 -3.86
C GLY A 79 -4.09 -20.70 -3.37
N HIS A 80 -5.28 -20.89 -2.79
CA HIS A 80 -6.11 -19.87 -2.15
C HIS A 80 -6.54 -20.38 -0.78
N ARG A 81 -6.60 -19.50 0.21
CA ARG A 81 -7.11 -19.86 1.54
C ARG A 81 -7.85 -18.67 2.08
N LYS A 82 -9.01 -18.90 2.66
CA LYS A 82 -9.76 -17.85 3.34
C LYS A 82 -9.73 -18.17 4.84
N GLU A 83 -9.31 -17.20 5.66
CA GLU A 83 -9.28 -17.34 7.12
C GLU A 83 -9.73 -16.03 7.76
N SER A 84 -10.71 -16.11 8.68
CA SER A 84 -11.36 -14.93 9.26
C SER A 84 -11.81 -13.92 8.20
N GLY A 85 -12.29 -14.45 7.07
CA GLY A 85 -12.79 -13.63 5.97
C GLY A 85 -11.72 -13.01 5.07
N GLU A 86 -10.43 -13.25 5.36
CA GLU A 86 -9.33 -12.67 4.58
C GLU A 86 -8.72 -13.72 3.66
N LEU A 87 -8.34 -13.30 2.46
CA LEU A 87 -7.83 -14.17 1.42
C LEU A 87 -6.32 -14.16 1.44
N TYR A 88 -5.73 -15.35 1.39
CA TYR A 88 -4.28 -15.53 1.22
C TYR A 88 -4.01 -16.37 -0.01
N TYR A 89 -2.88 -16.08 -0.64
CA TYR A 89 -2.41 -16.76 -1.82
C TYR A 89 -1.19 -17.59 -1.52
N SER A 90 -1.16 -18.81 -2.02
CA SER A 90 0.04 -19.62 -2.00
C SER A 90 0.72 -19.52 -3.34
N ILE A 91 1.95 -19.00 -3.32
CA ILE A 91 2.68 -18.69 -4.54
CA ILE A 91 2.67 -18.70 -4.55
C ILE A 91 3.90 -19.59 -4.65
N GLU A 92 4.07 -20.22 -5.81
CA GLU A 92 5.18 -21.15 -6.07
C GLU A 92 6.28 -20.46 -6.86
N LYS A 93 7.52 -20.60 -6.36
CA LYS A 93 8.69 -20.13 -7.06
C LYS A 93 9.79 -21.15 -6.81
N GLU A 94 10.39 -21.65 -7.90
N GLU A 94 10.40 -21.66 -7.89
CA GLU A 94 11.46 -22.65 -7.83
CA GLU A 94 11.47 -22.66 -7.80
C GLU A 94 11.09 -23.84 -6.94
C GLU A 94 11.09 -23.84 -6.92
N GLY A 95 9.89 -24.37 -7.18
CA GLY A 95 9.38 -25.54 -6.46
C GLY A 95 8.97 -25.38 -5.00
N GLN A 96 9.03 -24.17 -4.46
CA GLN A 96 8.72 -23.91 -3.05
C GLN A 96 7.57 -22.91 -2.98
N ARG A 97 6.72 -23.06 -1.98
CA ARG A 97 5.53 -22.22 -1.83
C ARG A 97 5.48 -21.47 -0.53
N LYS A 98 5.05 -20.20 -0.60
CA LYS A 98 4.80 -19.39 0.60
C LYS A 98 3.44 -18.71 0.48
N TRP A 99 2.82 -18.45 1.63
CA TRP A 99 1.52 -17.78 1.71
C TRP A 99 1.71 -16.25 1.80
N TYR A 100 0.87 -15.49 1.09
CA TYR A 100 0.91 -14.04 1.06
C TYR A 100 -0.48 -13.48 1.27
N LYS A 101 -0.57 -12.38 2.00
CA LYS A 101 -1.83 -11.68 2.07
C LYS A 101 -2.11 -10.96 0.74
N ARG A 102 -3.34 -10.53 0.59
CA ARG A 102 -3.82 -10.04 -0.66
C ARG A 102 -3.00 -8.85 -1.25
N MET A 103 -2.66 -7.85 -0.43
CA MET A 103 -1.93 -6.64 -0.86
C MET A 103 -0.49 -6.93 -1.27
N ALA A 104 0.00 -8.11 -0.89
CA ALA A 104 1.38 -8.49 -1.15
C ALA A 104 1.51 -9.20 -2.46
N VAL A 105 0.39 -9.39 -3.18
CA VAL A 105 0.41 -10.03 -4.50
C VAL A 105 -0.11 -9.02 -5.52
N ILE A 106 0.77 -8.65 -6.45
CA ILE A 106 0.44 -7.69 -7.49
C ILE A 106 0.76 -8.27 -8.85
N LEU A 107 0.45 -7.56 -9.92
CA LEU A 107 0.80 -8.03 -11.25
C LEU A 107 1.73 -7.03 -11.87
N SER A 108 2.82 -7.51 -12.46
CA SER A 108 3.60 -6.65 -13.35
C SER A 108 2.76 -6.22 -14.54
N LEU A 109 3.26 -5.25 -15.27
CA LEU A 109 2.58 -4.76 -16.47
C LEU A 109 2.20 -5.92 -17.40
N GLU A 110 3.18 -6.76 -17.73
N GLU A 110 3.18 -6.76 -17.71
CA GLU A 110 2.94 -7.92 -18.58
CA GLU A 110 2.96 -7.92 -18.58
C GLU A 110 1.98 -8.92 -17.95
C GLU A 110 1.98 -8.90 -17.96
N GLN A 111 2.12 -9.14 -16.65
CA GLN A 111 1.26 -10.12 -15.96
C GLN A 111 -0.20 -9.71 -16.00
N GLY A 112 -0.48 -8.43 -15.81
CA GLY A 112 -1.82 -7.89 -15.95
C GLY A 112 -2.30 -7.80 -17.38
N ASN A 113 -1.42 -7.39 -18.28
CA ASN A 113 -1.79 -7.31 -19.70
C ASN A 113 -2.27 -8.66 -20.20
N ARG A 114 -1.65 -9.74 -19.73
CA ARG A 114 -2.03 -11.10 -20.14
C ARG A 114 -3.50 -11.37 -19.86
N LEU A 115 -4.03 -10.84 -18.76
CA LEU A 115 -5.39 -11.11 -18.31
C LEU A 115 -6.48 -10.21 -18.89
N ARG A 116 -6.13 -9.18 -19.67
CA ARG A 116 -7.12 -8.22 -20.19
C ARG A 116 -8.22 -8.88 -21.03
N GLU A 117 -7.83 -9.73 -21.96
CA GLU A 117 -8.83 -10.29 -22.87
C GLU A 117 -9.87 -11.11 -22.15
N GLN A 118 -9.44 -11.94 -21.20
CA GLN A 118 -10.35 -12.84 -20.47
C GLN A 118 -11.10 -12.14 -19.35
N TYR A 119 -10.41 -11.31 -18.57
CA TYR A 119 -10.97 -10.77 -17.34
C TYR A 119 -11.25 -9.27 -17.34
N GLY A 120 -10.92 -8.59 -18.42
CA GLY A 120 -11.11 -7.15 -18.50
C GLY A 120 -12.57 -6.78 -18.22
N LEU A 121 -12.75 -5.70 -17.49
CA LEU A 121 -14.10 -5.17 -17.21
C LEU A 121 -14.90 -4.96 -18.50
N GLY A 122 -14.19 -4.56 -19.56
CA GLY A 122 -14.76 -4.50 -20.91
C GLY A 122 -15.87 -3.46 -21.03
N PRO A 123 -15.57 -2.19 -20.69
CA PRO A 123 -16.61 -1.13 -20.69
C PRO A 123 -17.17 -0.80 -22.08
N TYR A 124 -16.46 -1.19 -23.14
CA TYR A 124 -16.86 -0.92 -24.52
C TYR A 124 -17.38 -2.15 -25.29
N GLU A 125 -17.52 -3.30 -24.63
CA GLU A 125 -18.03 -4.51 -25.31
C GLU A 125 -19.43 -4.31 -25.88
N SER B 4 3.07 -1.25 27.27
CA SER B 4 3.99 -1.50 26.12
C SER B 4 3.72 -0.53 24.98
N PHE B 5 4.42 -0.75 23.86
CA PHE B 5 4.18 -0.01 22.63
C PHE B 5 3.16 -0.69 21.71
N VAL B 6 2.68 -1.88 22.09
CA VAL B 6 1.73 -2.64 21.28
C VAL B 6 0.42 -1.85 21.14
N GLY B 7 -0.02 -1.68 19.90
CA GLY B 7 -1.21 -0.89 19.59
C GLY B 7 -1.00 0.58 19.27
N LEU B 8 0.20 1.09 19.52
CA LEU B 8 0.49 2.48 19.26
C LEU B 8 0.78 2.73 17.78
N ARG B 9 0.36 3.90 17.33
CA ARG B 9 0.66 4.42 15.99
C ARG B 9 2.06 4.96 15.94
N VAL B 10 2.77 4.60 14.85
CA VAL B 10 4.17 4.96 14.67
C VAL B 10 4.37 5.32 13.20
N VAL B 11 5.53 5.88 12.89
CA VAL B 11 5.99 6.03 11.52
C VAL B 11 7.34 5.31 11.51
N ALA B 12 7.43 4.19 10.80
CA ALA B 12 8.55 3.25 10.93
C ALA B 12 9.28 3.05 9.62
N LYS B 13 10.59 2.99 9.69
CA LYS B 13 11.39 2.78 8.48
CA LYS B 13 11.44 2.75 8.50
C LYS B 13 11.20 1.37 7.94
N TRP B 14 11.08 1.28 6.60
CA TRP B 14 11.13 0.01 5.93
C TRP B 14 12.51 -0.04 5.29
N SER B 15 13.36 -0.91 5.80
CA SER B 15 14.75 -0.86 5.43
C SER B 15 15.01 -1.15 3.96
N SER B 16 14.06 -1.81 3.29
CA SER B 16 14.23 -2.12 1.85
C SER B 16 14.58 -0.87 1.06
N ASN B 17 13.86 0.23 1.33
CA ASN B 17 14.13 1.48 0.67
C ASN B 17 14.41 2.70 1.53
N GLY B 18 14.35 2.58 2.85
CA GLY B 18 14.77 3.64 3.74
C GLY B 18 13.74 4.70 4.08
N TYR B 19 12.59 4.68 3.41
CA TYR B 19 11.50 5.61 3.74
C TYR B 19 10.82 5.13 5.02
N PHE B 20 10.13 6.05 5.70
CA PHE B 20 9.36 5.75 6.90
C PHE B 20 7.88 5.81 6.57
N TYR B 21 7.12 4.81 7.04
CA TYR B 21 5.73 4.61 6.69
C TYR B 21 4.85 4.50 7.96
N SER B 22 3.64 5.04 7.88
CA SER B 22 2.73 4.97 9.03
C SER B 22 2.21 3.54 9.27
N GLY B 23 1.99 3.21 10.53
CA GLY B 23 1.39 1.95 10.90
C GLY B 23 1.27 1.83 12.39
N LYS B 24 1.01 0.62 12.85
CA LYS B 24 0.94 0.32 14.29
C LYS B 24 1.85 -0.86 14.64
N ILE B 25 2.39 -0.80 15.84
CA ILE B 25 3.09 -1.94 16.40
C ILE B 25 2.06 -2.98 16.85
N THR B 26 2.24 -4.22 16.42
CA THR B 26 1.34 -5.32 16.77
C THR B 26 1.95 -6.30 17.76
N ARG B 27 3.28 -6.31 17.90
CA ARG B 27 3.94 -7.25 18.81
C ARG B 27 5.32 -6.75 19.20
N ASP B 28 5.66 -6.96 20.46
CA ASP B 28 6.98 -6.74 21.01
C ASP B 28 7.72 -8.08 20.93
N VAL B 29 8.62 -8.21 19.94
CA VAL B 29 9.27 -9.48 19.62
C VAL B 29 10.43 -9.75 20.57
N GLY B 30 11.04 -8.70 21.13
CA GLY B 30 12.18 -8.83 22.02
C GLY B 30 13.46 -8.36 21.35
N ALA B 31 14.44 -8.02 22.18
CA ALA B 31 15.75 -7.58 21.73
C ALA B 31 15.69 -6.45 20.67
N GLY B 32 14.81 -5.50 20.92
CA GLY B 32 14.71 -4.30 20.10
C GLY B 32 13.96 -4.48 18.81
N LYS B 33 13.21 -5.57 18.67
CA LYS B 33 12.49 -5.86 17.44
C LYS B 33 10.98 -5.84 17.71
N TYR B 34 10.25 -5.28 16.73
CA TYR B 34 8.81 -5.11 16.83
C TYR B 34 8.16 -5.56 15.53
N LYS B 35 6.94 -6.10 15.62
CA LYS B 35 6.17 -6.43 14.45
C LYS B 35 5.25 -5.25 14.15
N LEU B 36 5.20 -4.90 12.86
CA LEU B 36 4.40 -3.79 12.35
C LEU B 36 3.29 -4.27 11.45
N LEU B 37 2.14 -3.63 11.55
CA LEU B 37 1.13 -3.63 10.52
C LEU B 37 1.10 -2.22 9.98
N PHE B 38 1.61 -2.06 8.77
CA PHE B 38 1.61 -0.77 8.16
C PHE B 38 0.21 -0.48 7.66
N ASP B 39 -0.08 0.81 7.51
CA ASP B 39 -1.36 1.25 6.95
C ASP B 39 -1.56 0.84 5.50
N ASP B 40 -0.47 0.58 4.78
CA ASP B 40 -0.60 0.03 3.43
C ASP B 40 -0.84 -1.48 3.44
N GLY B 41 -0.97 -2.08 4.62
CA GLY B 41 -1.31 -3.48 4.79
C GLY B 41 -0.11 -4.39 4.96
N TYR B 42 1.10 -3.89 4.72
CA TYR B 42 2.28 -4.73 4.81
C TYR B 42 2.57 -5.12 6.26
N GLU B 43 3.02 -6.37 6.45
CA GLU B 43 3.38 -6.85 7.76
C GLU B 43 4.82 -7.29 7.76
N CYS B 44 5.63 -6.74 8.66
CA CYS B 44 7.00 -7.21 8.86
C CYS B 44 7.57 -6.72 10.18
N ASP B 45 8.76 -7.23 10.50
CA ASP B 45 9.48 -6.79 11.68
C ASP B 45 10.34 -5.58 11.39
N VAL B 46 10.38 -4.68 12.35
CA VAL B 46 11.17 -3.48 12.29
C VAL B 46 11.91 -3.26 13.61
N LEU B 47 13.14 -2.79 13.53
CA LEU B 47 13.92 -2.52 14.73
C LEU B 47 13.48 -1.23 15.38
N GLY B 48 13.34 -1.23 16.72
CA GLY B 48 12.89 -0.06 17.48
C GLY B 48 13.66 1.21 17.20
N LYS B 49 14.97 1.09 16.97
CA LYS B 49 15.81 2.26 16.66
CA LYS B 49 15.81 2.25 16.64
C LYS B 49 15.33 2.98 15.39
N ASP B 50 14.54 2.29 14.56
CA ASP B 50 14.02 2.90 13.31
C ASP B 50 12.53 3.18 13.34
N ILE B 51 11.97 3.27 14.54
CA ILE B 51 10.55 3.56 14.73
C ILE B 51 10.38 4.91 15.39
N LEU B 52 9.54 5.75 14.80
CA LEU B 52 9.16 7.05 15.36
C LEU B 52 7.79 6.97 16.01
N LEU B 53 7.70 7.32 17.29
N LEU B 53 7.73 7.28 17.30
CA LEU B 53 6.42 7.33 17.99
CA LEU B 53 6.46 7.40 18.02
C LEU B 53 5.80 8.71 17.83
C LEU B 53 5.96 8.79 17.76
N CYS B 54 5.32 8.95 16.62
CA CYS B 54 4.96 10.25 16.11
C CYS B 54 3.59 10.13 15.41
N ASP B 55 2.55 10.69 16.03
CA ASP B 55 1.21 10.61 15.48
C ASP B 55 0.28 11.64 16.08
N PRO B 56 -0.44 12.41 15.26
CA PRO B 56 -0.23 12.55 13.81
C PRO B 56 1.10 13.16 13.49
N ILE B 57 1.53 13.07 12.23
CA ILE B 57 2.71 13.80 11.79
C ILE B 57 2.42 15.30 11.99
N PRO B 58 3.31 16.01 12.72
CA PRO B 58 2.90 17.37 13.11
C PRO B 58 2.80 18.40 12.01
N LEU B 59 1.95 19.40 12.23
CA LEU B 59 1.92 20.57 11.38
C LEU B 59 3.32 21.12 11.18
N ASP B 60 3.61 21.53 9.96
CA ASP B 60 4.89 22.07 9.51
C ASP B 60 6.04 21.05 9.31
N THR B 61 5.75 19.76 9.45
CA THR B 61 6.72 18.72 9.10
C THR B 61 6.87 18.63 7.57
N GLU B 62 8.11 18.54 7.11
CA GLU B 62 8.39 18.23 5.71
C GLU B 62 8.21 16.73 5.53
N VAL B 63 7.37 16.37 4.55
CA VAL B 63 6.99 14.98 4.27
C VAL B 63 7.13 14.72 2.77
N THR B 64 6.84 13.47 2.39
CA THR B 64 6.85 13.05 0.99
C THR B 64 5.50 12.47 0.71
N ALA B 65 4.80 13.00 -0.28
CA ALA B 65 3.38 12.65 -0.48
C ALA B 65 3.02 12.27 -1.91
N LEU B 66 2.11 11.29 -2.02
CA LEU B 66 1.71 10.71 -3.30
C LEU B 66 0.34 11.22 -3.72
N SER B 67 0.24 11.62 -4.98
CA SER B 67 -1.04 11.83 -5.66
C SER B 67 -0.93 11.33 -7.08
N GLU B 68 -2.01 11.40 -7.84
CA GLU B 68 -1.95 10.98 -9.25
C GLU B 68 -1.02 11.84 -10.11
N ASP B 69 -0.79 13.07 -9.69
CA ASP B 69 0.11 13.96 -10.43
C ASP B 69 1.53 14.04 -9.89
N GLU B 70 1.78 13.53 -8.68
CA GLU B 70 3.08 13.63 -8.07
C GLU B 70 3.47 12.30 -7.46
N TYR B 71 4.46 11.66 -8.06
CA TYR B 71 4.95 10.36 -7.56
C TYR B 71 5.91 10.59 -6.41
N PHE B 72 5.34 10.78 -5.22
CA PHE B 72 6.10 10.95 -4.00
C PHE B 72 7.04 12.14 -4.06
N SER B 73 6.45 13.32 -4.01
CA SER B 73 7.26 14.53 -3.94
C SER B 73 7.10 15.25 -2.59
N ALA B 74 8.03 16.15 -2.33
CA ALA B 74 8.12 16.82 -1.04
C ALA B 74 6.99 17.80 -0.85
N GLY B 75 6.57 17.93 0.41
CA GLY B 75 5.59 18.95 0.78
C GLY B 75 5.65 19.17 2.28
N VAL B 76 4.83 20.11 2.74
CA VAL B 76 4.77 20.50 4.15
C VAL B 76 3.35 20.30 4.67
N VAL B 77 3.24 19.64 5.82
CA VAL B 77 1.95 19.42 6.48
C VAL B 77 1.41 20.77 6.96
N LYS B 78 0.24 21.12 6.46
CA LYS B 78 -0.47 22.33 6.92
C LYS B 78 -1.83 22.06 7.52
N GLY B 79 -2.29 20.82 7.55
CA GLY B 79 -3.54 20.50 8.20
C GLY B 79 -3.73 19.03 8.44
N HIS B 80 -4.72 18.74 9.29
CA HIS B 80 -5.18 17.40 9.61
C HIS B 80 -6.70 17.40 9.54
N ARG B 81 -7.29 16.28 9.12
CA ARG B 81 -8.74 16.09 9.16
C ARG B 81 -9.07 14.62 9.39
N LYS B 82 -10.01 14.33 10.28
CA LYS B 82 -10.57 12.99 10.38
C LYS B 82 -11.93 12.93 9.69
N GLU B 83 -12.11 11.94 8.81
CA GLU B 83 -13.40 11.73 8.16
C GLU B 83 -13.67 10.23 8.17
N SER B 84 -14.80 9.84 8.75
CA SER B 84 -15.15 8.44 8.99
C SER B 84 -14.06 7.68 9.71
N GLY B 85 -13.46 8.33 10.72
CA GLY B 85 -12.43 7.72 11.56
C GLY B 85 -11.02 7.70 10.97
N GLU B 86 -10.88 8.10 9.71
CA GLU B 86 -9.62 8.01 8.98
C GLU B 86 -8.97 9.37 8.95
N LEU B 87 -7.64 9.39 9.05
CA LEU B 87 -6.91 10.64 9.00
C LEU B 87 -6.47 11.01 7.59
N TYR B 88 -6.68 12.27 7.24
CA TYR B 88 -6.10 12.89 6.06
C TYR B 88 -5.19 14.05 6.45
N TYR B 89 -4.16 14.29 5.63
CA TYR B 89 -3.25 15.42 5.78
C TYR B 89 -3.47 16.42 4.67
N SER B 90 -3.41 17.70 4.99
CA SER B 90 -3.37 18.75 3.99
C SER B 90 -1.92 19.09 3.82
N ILE B 91 -1.40 18.89 2.62
CA ILE B 91 0.01 19.10 2.35
CA ILE B 91 0.02 19.06 2.33
C ILE B 91 0.18 20.17 1.29
N GLU B 92 1.07 21.12 1.59
CA GLU B 92 1.34 22.25 0.72
C GLU B 92 2.57 21.93 -0.14
N LYS B 93 2.39 22.04 -1.45
CA LYS B 93 3.46 21.93 -2.42
C LYS B 93 3.39 23.14 -3.35
N GLU B 94 4.52 23.84 -3.51
CA GLU B 94 4.61 25.03 -4.38
C GLU B 94 3.39 25.95 -4.20
N GLY B 95 3.12 26.23 -2.94
CA GLY B 95 2.03 27.13 -2.55
C GLY B 95 0.59 26.71 -2.72
N GLN B 96 0.34 25.46 -3.11
CA GLN B 96 -1.01 24.91 -3.28
C GLN B 96 -1.21 23.73 -2.34
N ARG B 97 -2.43 23.56 -1.84
CA ARG B 97 -2.71 22.46 -0.90
C ARG B 97 -3.71 21.46 -1.44
N LYS B 98 -3.48 20.20 -1.07
CA LYS B 98 -4.40 19.11 -1.34
C LYS B 98 -4.50 18.25 -0.10
N TRP B 99 -5.59 17.48 0.01
CA TRP B 99 -5.76 16.49 1.05
C TRP B 99 -5.23 15.14 0.58
N TYR B 100 -4.55 14.43 1.48
CA TYR B 100 -3.91 13.12 1.20
C TYR B 100 -4.30 12.14 2.28
N LYS B 101 -4.62 10.92 1.90
CA LYS B 101 -4.86 9.86 2.85
C LYS B 101 -3.61 9.59 3.65
N ARG B 102 -3.78 9.08 4.87
CA ARG B 102 -2.66 8.80 5.74
C ARG B 102 -1.59 7.97 5.02
N MET B 103 -2.01 6.93 4.30
CA MET B 103 -1.04 6.01 3.68
C MET B 103 -0.28 6.65 2.51
N ALA B 104 -0.76 7.79 2.00
CA ALA B 104 -0.08 8.49 0.91
C ALA B 104 0.94 9.50 1.41
N VAL B 105 1.15 9.57 2.73
CA VAL B 105 2.12 10.49 3.32
C VAL B 105 3.18 9.70 4.08
N ILE B 106 4.40 9.78 3.57
CA ILE B 106 5.52 9.06 4.11
C ILE B 106 6.65 10.05 4.40
N LEU B 107 7.76 9.53 4.95
CA LEU B 107 8.95 10.35 5.16
C LEU B 107 10.11 9.75 4.40
N SER B 108 10.86 10.62 3.74
CA SER B 108 12.13 10.20 3.16
C SER B 108 13.05 9.87 4.30
N LEU B 109 14.17 9.24 3.97
N LEU B 109 14.17 9.24 3.97
CA LEU B 109 15.15 8.86 4.99
CA LEU B 109 15.16 8.87 4.99
C LEU B 109 15.62 10.12 5.74
C LEU B 109 15.61 10.12 5.75
N GLU B 110 15.95 11.19 5.01
CA GLU B 110 16.37 12.45 5.64
C GLU B 110 15.26 13.06 6.50
N GLN B 111 14.03 13.01 5.99
CA GLN B 111 12.89 13.59 6.72
C GLN B 111 12.63 12.83 8.00
N GLY B 112 12.72 11.52 7.97
CA GLY B 112 12.52 10.71 9.16
C GLY B 112 13.65 10.94 10.17
N ASN B 113 14.88 10.99 9.67
CA ASN B 113 16.03 11.27 10.55
C ASN B 113 15.88 12.57 11.34
N ARG B 114 15.26 13.58 10.74
CA ARG B 114 15.04 14.87 11.43
C ARG B 114 14.21 14.70 12.69
N LEU B 115 13.32 13.71 12.71
CA LEU B 115 12.39 13.49 13.84
C LEU B 115 12.86 12.48 14.90
N ARG B 116 13.99 11.82 14.67
CA ARG B 116 14.48 10.75 15.56
C ARG B 116 14.72 11.20 16.99
N GLU B 117 15.42 12.32 17.16
CA GLU B 117 15.78 12.80 18.50
C GLU B 117 14.53 13.04 19.35
N GLN B 118 13.53 13.69 18.77
CA GLN B 118 12.30 14.01 19.50
C GLN B 118 11.37 12.82 19.65
N TYR B 119 11.23 12.01 18.59
CA TYR B 119 10.16 11.00 18.53
C TYR B 119 10.59 9.53 18.51
N GLY B 120 11.89 9.26 18.40
CA GLY B 120 12.37 7.89 18.33
C GLY B 120 12.03 7.05 19.56
N LEU B 121 11.74 5.77 19.34
CA LEU B 121 11.63 4.78 20.43
C LEU B 121 12.95 4.60 21.19
N GLY B 122 14.01 4.24 20.46
CA GLY B 122 15.33 4.03 21.05
#